data_9RGX
#
_entry.id   9RGX
#
_cell.length_a   37.916
_cell.length_b   37.916
_cell.length_c   147.870
_cell.angle_alpha   90.000
_cell.angle_beta   90.000
_cell.angle_gamma   90.000
#
_symmetry.space_group_name_H-M   'P 21 21 21'
#
loop_
_entity.id
_entity.type
_entity.pdbx_description
1 polymer sc-apCC3-ACW
2 water water
#
_entity_poly.entity_id   1
_entity_poly.type   'polypeptide(L)'
_entity_poly.pdbx_seq_one_letter_code
;MGSSHHHHHHSSGLVPRGSHMMLAALKEKLAALKEKNAALKYKLAALKKHKATPAELAALEKELAATEKELAALEWELAA
LEKKEPLTPELAALKEELAALKEETAALKYELAAL
;
_entity_poly.pdbx_strand_id   A,B
#
# COMPACT_ATOMS: atom_id res chain seq x y z
N SER A 19 -8.54 28.52 -5.62
CA SER A 19 -8.23 27.10 -5.48
C SER A 19 -7.12 26.69 -6.45
N HIS A 20 -6.43 25.61 -6.11
CA HIS A 20 -5.31 25.12 -6.89
C HIS A 20 -5.75 24.02 -7.85
N MET A 21 -5.19 24.04 -9.06
CA MET A 21 -5.36 22.91 -9.97
C MET A 21 -4.66 21.65 -9.48
N MET A 22 -3.69 21.79 -8.58
CA MET A 22 -3.09 20.61 -7.98
C MET A 22 -4.11 19.85 -7.15
N LEU A 23 -5.05 20.56 -6.53
CA LEU A 23 -6.06 19.94 -5.69
C LEU A 23 -7.13 19.24 -6.52
N ALA A 24 -7.64 19.92 -7.55
CA ALA A 24 -8.73 19.37 -8.35
C ALA A 24 -8.29 18.11 -9.10
N ALA A 25 -7.06 18.13 -9.65
CA ALA A 25 -6.55 16.93 -10.31
C ALA A 25 -6.31 15.81 -9.31
N LEU A 26 -5.94 16.15 -8.07
CA LEU A 26 -5.79 15.14 -7.03
C LEU A 26 -7.16 14.63 -6.58
N LYS A 27 -8.14 15.53 -6.46
CA LYS A 27 -9.48 15.12 -6.05
C LYS A 27 -10.14 14.22 -7.08
N GLU A 28 -9.91 14.49 -8.37
CA GLU A 28 -10.49 13.65 -9.41
C GLU A 28 -9.88 12.26 -9.41
N LYS A 29 -8.57 12.17 -9.15
CA LYS A 29 -7.92 10.87 -9.11
C LYS A 29 -8.32 10.07 -7.88
N LEU A 30 -8.56 10.74 -6.75
CA LEU A 30 -9.05 10.06 -5.57
C LEU A 30 -10.48 9.56 -5.77
N ALA A 31 -11.28 10.29 -6.55
CA ALA A 31 -12.65 9.84 -6.85
C ALA A 31 -12.65 8.72 -7.87
N ALA A 32 -11.78 8.79 -8.87
CA ALA A 32 -11.73 7.74 -9.90
C ALA A 32 -11.23 6.42 -9.33
N LEU A 33 -10.29 6.49 -8.38
CA LEU A 33 -9.81 5.27 -7.75
C LEU A 33 -10.81 4.71 -6.74
N LYS A 34 -11.71 5.54 -6.22
CA LYS A 34 -12.81 5.03 -5.40
C LYS A 34 -13.86 4.34 -6.25
N GLU A 35 -14.04 4.80 -7.49
CA GLU A 35 -14.96 4.14 -8.41
C GLU A 35 -14.34 2.90 -9.04
N LYS A 36 -13.01 2.84 -9.14
CA LYS A 36 -12.35 1.63 -9.60
C LYS A 36 -12.38 0.55 -8.53
N ASN A 37 -12.35 0.94 -7.26
CA ASN A 37 -12.46 -0.03 -6.17
C ASN A 37 -13.88 -0.59 -6.08
N ALA A 38 -14.88 0.25 -6.33
CA ALA A 38 -16.26 -0.22 -6.32
C ALA A 38 -16.52 -1.18 -7.47
N ALA A 39 -15.94 -0.91 -8.64
CA ALA A 39 -16.06 -1.85 -9.75
C ALA A 39 -15.35 -3.16 -9.48
N LEU A 40 -14.27 -3.11 -8.67
CA LEU A 40 -13.61 -4.34 -8.25
C LEU A 40 -14.48 -5.15 -7.29
N LYS A 41 -15.28 -4.46 -6.46
CA LYS A 41 -16.20 -5.16 -5.57
C LYS A 41 -17.24 -5.94 -6.36
N TYR A 42 -17.77 -5.35 -7.43
CA TYR A 42 -18.76 -6.03 -8.24
C TYR A 42 -18.14 -7.16 -9.05
N LYS A 43 -16.87 -7.02 -9.45
CA LYS A 43 -16.18 -8.12 -10.12
C LYS A 43 -15.99 -9.32 -9.21
N LEU A 44 -15.78 -9.07 -7.90
CA LEU A 44 -15.69 -10.17 -6.95
C LEU A 44 -17.03 -10.87 -6.80
N ALA A 45 -18.12 -10.11 -6.75
CA ALA A 45 -19.44 -10.71 -6.57
C ALA A 45 -19.78 -11.66 -7.71
N ALA A 46 -19.51 -11.26 -8.95
CA ALA A 46 -19.77 -12.12 -10.09
C ALA A 46 -18.93 -13.39 -10.04
N LEU A 47 -17.70 -13.29 -9.54
CA LEU A 47 -16.81 -14.45 -9.52
C LEU A 47 -17.14 -15.40 -8.38
N LYS A 48 -17.87 -14.96 -7.37
CA LYS A 48 -18.38 -15.88 -6.36
C LYS A 48 -19.52 -16.75 -6.91
N LYS A 49 -20.04 -16.44 -8.10
CA LYS A 49 -21.07 -17.27 -8.74
C LYS A 49 -20.40 -18.33 -9.62
N HIS A 50 -19.83 -17.90 -10.74
CA HIS A 50 -19.07 -18.81 -11.60
C HIS A 50 -17.72 -19.11 -10.96
N LYS A 51 -17.35 -20.40 -10.92
CA LYS A 51 -16.18 -20.84 -10.18
C LYS A 51 -14.89 -20.18 -10.64
N ALA A 52 -14.85 -19.69 -11.89
CA ALA A 52 -13.77 -18.87 -12.43
C ALA A 52 -12.48 -19.65 -12.70
N THR A 53 -11.85 -19.34 -13.82
CA THR A 53 -10.59 -19.93 -14.24
C THR A 53 -9.44 -19.20 -13.56
N PRO A 54 -8.25 -19.81 -13.50
CA PRO A 54 -7.08 -19.06 -13.00
C PRO A 54 -6.80 -17.80 -13.79
N ALA A 55 -7.10 -17.79 -15.09
CA ALA A 55 -6.87 -16.59 -15.89
C ALA A 55 -7.78 -15.46 -15.44
N GLU A 56 -9.03 -15.77 -15.11
CA GLU A 56 -9.94 -14.76 -14.58
C GLU A 56 -9.55 -14.35 -13.17
N LEU A 57 -9.01 -15.28 -12.38
CA LEU A 57 -8.51 -14.93 -11.05
C LEU A 57 -7.24 -14.08 -11.16
N ALA A 58 -6.36 -14.43 -12.10
CA ALA A 58 -5.15 -13.62 -12.32
C ALA A 58 -5.48 -12.26 -12.92
N ALA A 59 -6.62 -12.13 -13.60
CA ALA A 59 -6.99 -10.85 -14.19
C ALA A 59 -7.43 -9.85 -13.11
N LEU A 60 -8.26 -10.30 -12.16
CA LEU A 60 -8.67 -9.43 -11.06
C LEU A 60 -7.49 -9.08 -10.16
N GLU A 61 -6.52 -9.99 -10.05
CA GLU A 61 -5.32 -9.70 -9.26
C GLU A 61 -4.45 -8.65 -9.94
N LYS A 62 -4.26 -8.77 -11.24
CA LYS A 62 -3.50 -7.76 -11.98
C LYS A 62 -4.18 -6.41 -11.92
N GLU A 63 -5.51 -6.38 -11.90
CA GLU A 63 -6.23 -5.13 -11.70
C GLU A 63 -6.07 -4.62 -10.27
N LEU A 64 -5.91 -5.53 -9.30
CA LEU A 64 -5.65 -5.10 -7.93
C LEU A 64 -4.26 -4.48 -7.81
N ALA A 65 -3.26 -5.06 -8.48
CA ALA A 65 -1.91 -4.50 -8.43
C ALA A 65 -1.82 -3.16 -9.14
N ALA A 66 -2.64 -2.95 -10.18
CA ALA A 66 -2.64 -1.67 -10.86
C ALA A 66 -3.20 -0.56 -9.97
N THR A 67 -4.14 -0.89 -9.09
CA THR A 67 -4.67 0.10 -8.17
C THR A 67 -3.64 0.45 -7.09
N GLU A 68 -2.89 -0.55 -6.62
CA GLU A 68 -1.85 -0.28 -5.63
C GLU A 68 -0.77 0.62 -6.20
N LYS A 69 -0.46 0.47 -7.49
CA LYS A 69 0.52 1.35 -8.11
C LYS A 69 0.00 2.77 -8.25
N GLU A 70 -1.27 2.92 -8.61
CA GLU A 70 -1.85 4.25 -8.73
C GLU A 70 -2.00 4.93 -7.37
N LEU A 71 -2.28 4.16 -6.32
CA LEU A 71 -2.34 4.73 -4.97
C LEU A 71 -0.97 5.15 -4.48
N ALA A 72 0.08 4.42 -4.87
CA ALA A 72 1.43 4.75 -4.41
C ALA A 72 1.94 6.01 -5.08
N ALA A 73 1.66 6.18 -6.38
CA ALA A 73 2.08 7.39 -7.08
C ALA A 73 1.26 8.60 -6.64
N LEU A 74 0.01 8.38 -6.22
CA LEU A 74 -0.81 9.48 -5.72
C LEU A 74 -0.25 10.03 -4.42
N GLU A 75 0.41 9.19 -3.61
CA GLU A 75 1.08 9.68 -2.42
C GLU A 75 2.17 10.67 -2.78
N TRP A 76 2.91 10.41 -3.85
CA TRP A 76 3.92 11.35 -4.33
C TRP A 76 3.26 12.60 -4.89
N GLU A 77 2.13 12.44 -5.58
CA GLU A 77 1.39 13.58 -6.10
C GLU A 77 0.96 14.50 -4.96
N LEU A 78 0.29 13.94 -3.95
CA LEU A 78 -0.10 14.70 -2.77
C LEU A 78 1.12 15.24 -2.03
N ALA A 79 2.26 14.56 -2.14
CA ALA A 79 3.46 15.01 -1.45
C ALA A 79 4.07 16.22 -2.16
N ALA A 80 4.01 16.25 -3.49
CA ALA A 80 4.49 17.42 -4.22
C ALA A 80 3.63 18.65 -3.93
N LEU A 81 2.34 18.43 -3.62
CA LEU A 81 1.47 19.55 -3.28
C LEU A 81 1.82 20.15 -1.92
N GLU A 82 2.23 19.30 -0.96
CA GLU A 82 2.61 19.82 0.35
C GLU A 82 3.91 20.60 0.30
N LYS A 83 4.81 20.26 -0.62
CA LYS A 83 6.08 20.96 -0.71
C LYS A 83 5.90 22.36 -1.27
N LYS A 84 5.02 22.52 -2.25
CA LYS A 84 4.78 23.82 -2.86
C LYS A 84 3.67 24.61 -2.18
N GLU A 85 2.96 24.01 -1.23
CA GLU A 85 1.85 24.68 -0.56
C GLU A 85 1.42 23.89 0.68
N PRO A 86 2.20 23.96 1.77
CA PRO A 86 1.84 23.17 2.96
C PRO A 86 0.62 23.69 3.71
N LEU A 87 0.21 24.94 3.46
CA LEU A 87 -0.94 25.53 4.14
C LEU A 87 -2.24 25.40 3.35
N THR A 88 -2.24 24.64 2.25
CA THR A 88 -3.44 24.48 1.46
C THR A 88 -4.50 23.70 2.23
N PRO A 89 -5.74 24.19 2.30
CA PRO A 89 -6.80 23.41 2.95
C PRO A 89 -7.14 22.17 2.14
N GLU A 90 -7.60 21.14 2.86
CA GLU A 90 -7.91 19.78 2.42
C GLU A 90 -6.67 18.89 2.40
N LEU A 91 -5.52 19.37 2.85
CA LEU A 91 -4.32 18.54 2.86
C LEU A 91 -4.48 17.36 3.82
N ALA A 92 -5.10 17.59 4.98
CA ALA A 92 -5.31 16.51 5.92
C ALA A 92 -6.37 15.54 5.42
N ALA A 93 -7.44 16.05 4.81
CA ALA A 93 -8.50 15.17 4.32
C ALA A 93 -8.06 14.37 3.10
N LEU A 94 -7.12 14.90 2.31
CA LEU A 94 -6.62 14.16 1.16
C LEU A 94 -5.70 13.03 1.61
N LYS A 95 -4.90 13.27 2.66
CA LYS A 95 -4.04 12.22 3.19
C LYS A 95 -4.85 11.12 3.85
N GLU A 96 -5.96 11.47 4.49
CA GLU A 96 -6.82 10.47 5.10
C GLU A 96 -7.66 9.73 4.07
N GLU A 97 -8.03 10.39 2.97
CA GLU A 97 -8.77 9.71 1.91
C GLU A 97 -7.89 8.71 1.18
N LEU A 98 -6.59 9.00 1.04
CA LEU A 98 -5.68 8.06 0.40
C LEU A 98 -5.41 6.86 1.30
N ALA A 99 -5.28 7.10 2.61
CA ALA A 99 -5.08 5.99 3.54
C ALA A 99 -6.30 5.07 3.60
N ALA A 100 -7.49 5.61 3.38
CA ALA A 100 -8.68 4.77 3.34
C ALA A 100 -8.73 3.95 2.05
N LEU A 101 -8.36 4.56 0.92
CA LEU A 101 -8.35 3.83 -0.34
C LEU A 101 -7.32 2.69 -0.31
N LYS A 102 -6.19 2.91 0.35
CA LYS A 102 -5.19 1.86 0.47
C LYS A 102 -5.70 0.70 1.32
N GLU A 103 -6.39 1.01 2.42
CA GLU A 103 -6.97 -0.03 3.26
C GLU A 103 -8.13 -0.73 2.56
N GLU A 104 -8.87 0.00 1.72
CA GLU A 104 -9.98 -0.60 0.98
C GLU A 104 -9.47 -1.54 -0.11
N THR A 105 -8.37 -1.16 -0.78
CA THR A 105 -7.81 -2.02 -1.81
C THR A 105 -7.27 -3.32 -1.21
N ALA A 106 -6.59 -3.22 -0.06
CA ALA A 106 -6.04 -4.41 0.59
C ALA A 106 -7.14 -5.37 1.03
N ALA A 107 -8.30 -4.84 1.44
CA ALA A 107 -9.39 -5.71 1.86
C ALA A 107 -9.95 -6.50 0.69
N LEU A 108 -9.84 -5.96 -0.53
CA LEU A 108 -10.22 -6.71 -1.73
C LEU A 108 -9.19 -7.77 -2.10
N LYS A 109 -7.94 -7.60 -1.67
CA LYS A 109 -6.92 -8.60 -1.95
C LYS A 109 -7.14 -9.86 -1.10
N TYR A 110 -7.45 -9.68 0.19
CA TYR A 110 -7.72 -10.84 1.04
C TYR A 110 -8.99 -11.55 0.61
N GLU A 111 -10.00 -10.79 0.18
CA GLU A 111 -11.25 -11.40 -0.29
C GLU A 111 -11.02 -12.22 -1.54
N LEU A 112 -10.21 -11.71 -2.49
CA LEU A 112 -9.92 -12.45 -3.71
C LEU A 112 -9.14 -13.72 -3.41
N ALA A 113 -8.21 -13.66 -2.46
CA ALA A 113 -7.34 -14.80 -2.17
C ALA A 113 -8.10 -15.99 -1.59
N ALA A 114 -9.38 -15.83 -1.26
CA ALA A 114 -10.19 -16.91 -0.75
C ALA A 114 -11.11 -17.50 -1.82
N LEU A 115 -11.00 -17.06 -3.06
CA LEU A 115 -11.79 -17.62 -4.15
C LEU A 115 -11.20 -18.93 -4.64
N SER B 19 2.57 -24.79 14.94
CA SER B 19 3.53 -25.75 14.40
C SER B 19 3.61 -25.65 12.87
N HIS B 20 4.18 -24.55 12.37
CA HIS B 20 4.27 -24.35 10.93
C HIS B 20 5.42 -23.41 10.61
N MET B 21 6.23 -23.78 9.61
CA MET B 21 7.24 -22.88 9.08
C MET B 21 6.64 -21.69 8.33
N MET B 22 5.44 -21.84 7.76
CA MET B 22 4.83 -20.70 7.08
C MET B 22 4.51 -19.58 8.04
N LEU B 23 4.14 -19.90 9.28
CA LEU B 23 3.92 -18.89 10.29
C LEU B 23 5.21 -18.15 10.61
N ALA B 24 6.30 -18.90 10.83
CA ALA B 24 7.57 -18.29 11.18
C ALA B 24 8.13 -17.46 10.02
N ALA B 25 7.90 -17.88 8.78
CA ALA B 25 8.37 -17.12 7.63
C ALA B 25 7.64 -15.78 7.52
N LEU B 26 6.36 -15.73 7.90
CA LEU B 26 5.65 -14.46 7.88
C LEU B 26 6.13 -13.53 8.98
N LYS B 27 6.34 -14.06 10.19
CA LYS B 27 6.86 -13.24 11.28
C LYS B 27 8.28 -12.76 10.98
N GLU B 28 9.08 -13.59 10.31
CA GLU B 28 10.44 -13.18 9.95
C GLU B 28 10.42 -12.12 8.86
N LYS B 29 9.51 -12.23 7.90
CA LYS B 29 9.44 -11.22 6.83
C LYS B 29 8.90 -9.89 7.36
N LEU B 30 7.96 -9.94 8.30
CA LEU B 30 7.49 -8.71 8.94
C LEU B 30 8.58 -8.09 9.80
N ALA B 31 9.46 -8.92 10.37
CA ALA B 31 10.55 -8.40 11.19
C ALA B 31 11.64 -7.76 10.35
N ALA B 32 11.94 -8.36 9.18
CA ALA B 32 13.00 -7.83 8.33
C ALA B 32 12.66 -6.47 7.71
N LEU B 33 11.39 -6.23 7.38
CA LEU B 33 10.99 -4.95 6.81
C LEU B 33 10.93 -3.81 7.81
N LYS B 34 10.74 -4.10 9.10
CA LYS B 34 10.76 -3.03 10.09
C LYS B 34 12.18 -2.56 10.35
N GLU B 35 13.17 -3.44 10.22
CA GLU B 35 14.56 -3.04 10.40
C GLU B 35 15.09 -2.32 9.17
N LYS B 36 14.56 -2.63 7.99
CA LYS B 36 14.89 -1.89 6.79
C LYS B 36 14.16 -0.56 6.73
N ASN B 37 12.95 -0.49 7.30
CA ASN B 37 12.22 0.76 7.36
C ASN B 37 12.83 1.70 8.41
N ALA B 38 13.23 1.16 9.56
CA ALA B 38 13.85 1.98 10.59
C ALA B 38 15.23 2.46 10.15
N ALA B 39 15.99 1.60 9.45
CA ALA B 39 17.28 2.04 8.92
C ALA B 39 17.11 3.08 7.84
N LEU B 40 15.98 3.05 7.12
CA LEU B 40 15.72 4.11 6.14
C LEU B 40 15.50 5.45 6.83
N LYS B 41 14.92 5.45 8.03
CA LYS B 41 14.80 6.69 8.80
C LYS B 41 16.18 7.22 9.17
N TYR B 42 17.11 6.34 9.53
CA TYR B 42 18.47 6.77 9.81
C TYR B 42 19.15 7.26 8.53
N LYS B 43 18.86 6.62 7.39
CA LYS B 43 19.32 7.15 6.12
C LYS B 43 18.66 8.48 5.80
N LEU B 44 17.40 8.65 6.23
CA LEU B 44 16.74 9.95 6.10
C LEU B 44 17.40 10.98 7.01
N ALA B 45 17.81 10.57 8.22
CA ALA B 45 18.45 11.50 9.14
C ALA B 45 19.71 12.11 8.52
N ALA B 46 20.52 11.30 7.84
CA ALA B 46 21.69 11.84 7.16
C ALA B 46 21.29 12.73 5.99
N LEU B 47 20.24 12.34 5.25
CA LEU B 47 19.78 13.16 4.13
C LEU B 47 19.12 14.45 4.62
N LYS B 48 18.41 14.39 5.74
CA LYS B 48 17.73 15.57 6.27
C LYS B 48 18.73 16.58 6.85
N LYS B 49 19.52 17.20 5.99
CA LYS B 49 20.52 18.18 6.44
C LYS B 49 20.84 19.17 5.33
N ALA B 52 21.14 18.55 -0.46
CA ALA B 52 20.79 17.20 -0.89
C ALA B 52 20.98 17.04 -2.40
N THR B 53 21.66 15.97 -2.80
CA THR B 53 21.86 15.77 -4.22
C THR B 53 20.74 14.91 -4.80
N PRO B 54 20.34 15.19 -6.05
CA PRO B 54 19.25 14.40 -6.65
C PRO B 54 19.55 12.92 -6.76
N ALA B 55 20.83 12.54 -6.82
CA ALA B 55 21.16 11.13 -6.97
C ALA B 55 20.95 10.36 -5.66
N GLU B 56 21.26 10.98 -4.52
CA GLU B 56 21.04 10.32 -3.25
C GLU B 56 19.55 10.32 -2.88
N LEU B 57 18.81 11.33 -3.32
CA LEU B 57 17.38 11.36 -3.06
C LEU B 57 16.66 10.30 -3.89
N ALA B 58 17.11 10.08 -5.11
CA ALA B 58 16.54 9.03 -5.94
C ALA B 58 16.92 7.64 -5.45
N ALA B 59 17.95 7.53 -4.61
CA ALA B 59 18.33 6.24 -4.04
C ALA B 59 17.39 5.82 -2.91
N LEU B 60 16.94 6.79 -2.10
CA LEU B 60 15.95 6.48 -1.07
C LEU B 60 14.60 6.15 -1.66
N GLU B 61 14.29 6.65 -2.86
CA GLU B 61 12.99 6.40 -3.47
C GLU B 61 12.88 4.96 -3.95
N LYS B 62 13.91 4.46 -4.65
CA LYS B 62 13.86 3.08 -5.13
C LYS B 62 13.87 2.08 -3.98
N GLU B 63 14.54 2.41 -2.88
CA GLU B 63 14.45 1.56 -1.69
C GLU B 63 13.07 1.66 -1.05
N LEU B 64 12.43 2.82 -1.14
CA LEU B 64 11.05 2.95 -0.66
C LEU B 64 10.09 2.16 -1.53
N ALA B 65 10.27 2.22 -2.85
CA ALA B 65 9.40 1.45 -3.75
C ALA B 65 9.65 -0.04 -3.61
N ALA B 66 10.88 -0.44 -3.28
CA ALA B 66 11.16 -1.86 -3.07
C ALA B 66 10.45 -2.38 -1.82
N THR B 67 10.27 -1.52 -0.81
CA THR B 67 9.53 -1.92 0.37
C THR B 67 8.04 -2.05 0.09
N GLU B 68 7.52 -1.18 -0.78
CA GLU B 68 6.10 -1.27 -1.15
C GLU B 68 5.81 -2.55 -1.91
N LYS B 69 6.75 -3.01 -2.74
CA LYS B 69 6.56 -4.26 -3.46
C LYS B 69 6.61 -5.45 -2.51
N GLU B 70 7.56 -5.45 -1.57
CA GLU B 70 7.66 -6.54 -0.62
C GLU B 70 6.47 -6.58 0.33
N LEU B 71 5.93 -5.41 0.68
CA LEU B 71 4.73 -5.38 1.51
C LEU B 71 3.51 -5.87 0.76
N ALA B 72 3.45 -5.62 -0.55
CA ALA B 72 2.29 -6.03 -1.33
C ALA B 72 2.26 -7.54 -1.54
N ALA B 73 3.42 -8.15 -1.81
CA ALA B 73 3.47 -9.60 -1.95
C ALA B 73 3.31 -10.29 -0.60
N LEU B 74 3.69 -9.62 0.49
CA LEU B 74 3.50 -10.20 1.81
C LEU B 74 2.03 -10.34 2.16
N GLU B 75 1.19 -9.43 1.65
CA GLU B 75 -0.25 -9.54 1.88
C GLU B 75 -0.82 -10.78 1.23
N TRP B 76 -0.29 -11.17 0.06
CA TRP B 76 -0.74 -12.41 -0.57
C TRP B 76 -0.29 -13.63 0.23
N GLU B 77 0.93 -13.60 0.75
CA GLU B 77 1.43 -14.70 1.57
C GLU B 77 0.60 -14.82 2.84
N LEU B 78 0.39 -13.71 3.55
CA LEU B 78 -0.47 -13.71 4.72
C LEU B 78 -1.88 -14.17 4.38
N ALA B 79 -2.33 -13.90 3.15
CA ALA B 79 -3.64 -14.37 2.72
C ALA B 79 -3.63 -15.87 2.42
N ALA B 80 -2.50 -16.39 1.91
CA ALA B 80 -2.41 -17.82 1.66
C ALA B 80 -2.43 -18.63 2.95
N LEU B 81 -1.92 -18.05 4.04
CA LEU B 81 -1.99 -18.75 5.33
C LEU B 81 -3.41 -18.78 5.87
N GLU B 82 -4.18 -17.72 5.63
CA GLU B 82 -5.59 -17.72 6.04
C GLU B 82 -6.42 -18.68 5.19
N LYS B 83 -6.02 -18.88 3.92
CA LYS B 83 -6.77 -19.78 3.05
C LYS B 83 -6.61 -21.23 3.48
N LYS B 84 -5.43 -21.61 3.95
CA LYS B 84 -5.17 -22.97 4.38
C LYS B 84 -5.35 -23.17 5.87
N GLU B 85 -5.53 -22.10 6.64
CA GLU B 85 -5.73 -22.21 8.08
C GLU B 85 -6.37 -20.95 8.63
N PRO B 86 -7.69 -20.76 8.44
CA PRO B 86 -8.34 -19.56 8.99
C PRO B 86 -8.38 -19.54 10.51
N LEU B 87 -8.20 -20.68 11.17
CA LEU B 87 -8.27 -20.77 12.62
C LEU B 87 -6.96 -20.40 13.31
N THR B 88 -5.95 -19.97 12.56
CA THR B 88 -4.67 -19.60 13.17
C THR B 88 -4.87 -18.39 14.07
N PRO B 89 -4.38 -18.41 15.31
CA PRO B 89 -4.69 -17.31 16.25
C PRO B 89 -4.00 -16.00 15.89
N GLU B 90 -2.82 -16.04 15.30
CA GLU B 90 -2.02 -14.84 15.07
C GLU B 90 -2.36 -14.10 13.80
N LEU B 91 -3.36 -14.55 13.03
CA LEU B 91 -3.68 -13.90 11.76
C LEU B 91 -4.06 -12.44 11.95
N ALA B 92 -4.83 -12.13 13.00
CA ALA B 92 -5.28 -10.76 13.21
C ALA B 92 -4.12 -9.83 13.52
N ALA B 93 -3.20 -10.26 14.39
CA ALA B 93 -2.07 -9.41 14.74
C ALA B 93 -1.04 -9.34 13.62
N LEU B 94 -0.98 -10.35 12.75
CA LEU B 94 0.02 -10.34 11.69
C LEU B 94 -0.34 -9.35 10.58
N LYS B 95 -1.61 -9.31 10.17
CA LYS B 95 -2.00 -8.37 9.13
C LYS B 95 -2.11 -6.95 9.65
N GLU B 96 -2.45 -6.78 10.93
CA GLU B 96 -2.44 -5.45 11.52
C GLU B 96 -1.01 -4.93 11.64
N GLU B 97 -0.05 -5.82 11.88
CA GLU B 97 1.36 -5.41 11.85
C GLU B 97 1.81 -5.06 10.44
N LEU B 98 1.21 -5.69 9.43
CA LEU B 98 1.50 -5.33 8.05
C LEU B 98 0.99 -3.93 7.74
N ALA B 99 -0.20 -3.59 8.22
CA ALA B 99 -0.75 -2.26 8.01
C ALA B 99 0.08 -1.19 8.71
N ALA B 100 0.70 -1.53 9.84
CA ALA B 100 1.59 -0.59 10.51
C ALA B 100 2.87 -0.38 9.72
N LEU B 101 3.43 -1.46 9.18
CA LEU B 101 4.62 -1.33 8.33
C LEU B 101 4.31 -0.51 7.08
N LYS B 102 3.11 -0.67 6.53
CA LYS B 102 2.71 0.15 5.38
C LYS B 102 2.50 1.60 5.77
N GLU B 103 1.93 1.84 6.96
CA GLU B 103 1.74 3.21 7.42
C GLU B 103 3.06 3.91 7.70
N GLU B 104 4.06 3.17 8.19
CA GLU B 104 5.38 3.76 8.39
C GLU B 104 6.08 4.00 7.06
N THR B 105 5.86 3.11 6.08
CA THR B 105 6.47 3.28 4.77
C THR B 105 5.95 4.54 4.09
N ALA B 106 4.63 4.79 4.18
CA ALA B 106 4.08 6.01 3.60
C ALA B 106 4.57 7.25 4.34
N ALA B 107 4.74 7.15 5.66
CA ALA B 107 5.24 8.29 6.42
C ALA B 107 6.70 8.58 6.12
N LEU B 108 7.48 7.55 5.75
CA LEU B 108 8.85 7.80 5.33
C LEU B 108 8.89 8.44 3.95
N LYS B 109 7.87 8.21 3.13
CA LYS B 109 7.82 8.84 1.81
C LYS B 109 7.51 10.32 1.92
N TYR B 110 6.56 10.69 2.78
CA TYR B 110 6.23 12.10 2.96
C TYR B 110 7.41 12.87 3.55
N GLU B 111 8.14 12.26 4.49
CA GLU B 111 9.31 12.90 5.05
C GLU B 111 10.41 13.04 4.00
N LEU B 112 10.60 11.99 3.18
CA LEU B 112 11.58 12.09 2.11
C LEU B 112 11.13 13.08 1.04
N ALA B 113 9.83 13.17 0.78
CA ALA B 113 9.30 14.06 -0.25
C ALA B 113 9.40 15.53 0.11
N ALA B 114 9.69 15.85 1.37
CA ALA B 114 9.87 17.22 1.81
C ALA B 114 11.33 17.62 1.85
N LEU B 115 12.22 16.75 1.38
CA LEU B 115 13.65 17.03 1.38
C LEU B 115 14.02 17.93 0.20
#